data_8U59
#
_entry.id   8U59
#
_cell.length_a   115.518
_cell.length_b   64.655
_cell.length_c   74.441
_cell.angle_alpha   90.00
_cell.angle_beta   125.83
_cell.angle_gamma   90.00
#
_symmetry.space_group_name_H-M   'C 1 2 1'
#
loop_
_entity.id
_entity.type
_entity.pdbx_description
1 polymer 'Thiol:disulfide interchange protein DsbA'
2 non-polymer ~{N}-[(4-thiophen-3-ylphenyl)methyl]cyclohexanamine
3 non-polymer N-(2-fluorophenyl)-5-methyl-1,2-oxazole-3-carboxamide
4 non-polymer 'COPPER (II) ION'
5 water water
#
_entity_poly.entity_id   1
_entity_poly.type   'polypeptide(L)'
_entity_poly.pdbx_seq_one_letter_code
;AQYEDGKQYTTLEKPVAGAPQVLEFFSFFCPHCYQFEEVLHISDNVKKKLPEGVKMTKYHVNFMGGDLGKDLTQAWAVAM
ALGVEDKVTVPLFEGVQKTQTIRSASDIRDVFINAGIKGEEYDAAWNSFVVKSLVAQQEKAAADVQLRGVPAMFVNGKYQ
LNPQGMDTSNMDVFVQQYADTVKYLSEKK
;
_entity_poly.pdbx_strand_id   A,B
#
# COMPACT_ATOMS: atom_id res chain seq x y z
N ALA A 1 11.77 -8.19 -30.66
CA ALA A 1 11.14 -6.89 -30.75
C ALA A 1 11.29 -6.15 -29.41
N GLN A 2 11.11 -4.84 -29.41
CA GLN A 2 11.24 -4.09 -28.17
C GLN A 2 10.04 -4.29 -27.26
N TYR A 3 8.84 -4.38 -27.83
CA TYR A 3 7.65 -4.81 -27.08
C TYR A 3 7.27 -6.20 -27.56
N GLU A 4 7.08 -7.13 -26.64
CA GLU A 4 6.90 -8.53 -26.98
C GLU A 4 5.71 -9.11 -26.24
N ASP A 5 4.81 -9.76 -26.98
CA ASP A 5 3.70 -10.44 -26.33
C ASP A 5 4.26 -11.50 -25.39
N GLY A 6 3.95 -11.35 -24.11
CA GLY A 6 4.52 -12.16 -23.05
C GLY A 6 5.45 -11.40 -22.12
N LYS A 7 5.93 -10.22 -22.53
CA LYS A 7 6.85 -9.45 -21.69
C LYS A 7 6.18 -8.24 -21.05
N GLN A 8 6.04 -7.14 -21.80
CA GLN A 8 5.39 -5.96 -21.25
C GLN A 8 3.88 -6.07 -21.27
N TYR A 9 3.32 -7.01 -22.03
CA TYR A 9 1.89 -7.19 -22.10
C TYR A 9 1.61 -8.65 -22.41
N THR A 10 0.34 -9.02 -22.31
CA THR A 10 -0.13 -10.32 -22.77
C THR A 10 -1.30 -10.10 -23.70
N THR A 11 -1.63 -11.10 -24.50
CA THR A 11 -2.76 -11.01 -25.42
C THR A 11 -3.89 -11.89 -24.91
N LEU A 12 -5.10 -11.34 -24.90
CA LEU A 12 -6.26 -12.07 -24.39
C LEU A 12 -6.53 -13.28 -25.28
N GLU A 13 -6.59 -14.47 -24.67
CA GLU A 13 -6.94 -15.67 -25.41
C GLU A 13 -8.31 -15.51 -26.06
N LYS A 14 -9.31 -15.08 -25.28
CA LYS A 14 -10.62 -14.75 -25.81
C LYS A 14 -10.73 -13.23 -25.87
N PRO A 15 -10.52 -12.60 -27.02
CA PRO A 15 -10.59 -11.14 -27.09
C PRO A 15 -12.03 -10.65 -26.93
N VAL A 16 -12.15 -9.43 -26.42
CA VAL A 16 -13.42 -8.86 -25.99
C VAL A 16 -13.82 -7.78 -27.00
N ALA A 17 -14.80 -8.07 -27.84
CA ALA A 17 -15.26 -7.10 -28.82
C ALA A 17 -15.94 -5.90 -28.15
N GLY A 18 -15.80 -4.73 -28.78
CA GLY A 18 -16.52 -3.55 -28.37
C GLY A 18 -16.17 -3.00 -27.00
N ALA A 19 -14.96 -3.27 -26.50
CA ALA A 19 -14.59 -2.87 -25.15
C ALA A 19 -13.99 -1.47 -25.12
N PRO A 20 -13.93 -0.84 -23.95
CA PRO A 20 -13.37 0.53 -23.89
C PRO A 20 -11.92 0.55 -24.34
N GLN A 21 -11.52 1.69 -24.91
CA GLN A 21 -10.18 1.82 -25.46
C GLN A 21 -9.10 1.53 -24.41
N VAL A 22 -9.17 2.23 -23.27
CA VAL A 22 -8.29 1.99 -22.13
C VAL A 22 -9.17 1.71 -20.92
N LEU A 23 -9.05 0.51 -20.37
CA LEU A 23 -9.89 0.06 -19.27
C LEU A 23 -9.02 -0.41 -18.11
N GLU A 24 -9.14 0.27 -16.96
CA GLU A 24 -8.41 -0.10 -15.75
C GLU A 24 -9.39 -0.69 -14.73
N PHE A 25 -8.90 -1.69 -13.99
CA PHE A 25 -9.63 -2.25 -12.86
C PHE A 25 -8.80 -2.08 -11.59
N PHE A 26 -9.48 -1.77 -10.48
CA PHE A 26 -8.80 -1.56 -9.22
C PHE A 26 -9.75 -1.96 -8.09
N SER A 27 -9.19 -1.99 -6.88
CA SER A 27 -9.97 -2.13 -5.65
C SER A 27 -9.40 -1.15 -4.63
N PHE A 28 -10.28 -0.53 -3.84
CA PHE A 28 -9.73 0.31 -2.79
C PHE A 28 -9.04 -0.51 -1.69
N PHE A 29 -9.17 -1.84 -1.72
CA PHE A 29 -8.45 -2.73 -0.81
C PHE A 29 -7.08 -3.14 -1.32
N CYS A 30 -6.76 -2.79 -2.56
CA CYS A 30 -5.62 -3.35 -3.27
C CYS A 30 -4.38 -2.49 -3.04
N PRO A 31 -3.32 -3.02 -2.41
CA PRO A 31 -2.15 -2.17 -2.10
C PRO A 31 -1.42 -1.62 -3.31
N HIS A 32 -1.26 -2.40 -4.39
CA HIS A 32 -0.61 -1.84 -5.58
C HIS A 32 -1.46 -0.75 -6.20
N CYS A 33 -2.80 -0.89 -6.10
CA CYS A 33 -3.70 0.11 -6.66
C CYS A 33 -3.53 1.44 -5.93
N TYR A 34 -3.43 1.38 -4.60
CA TYR A 34 -3.08 2.57 -3.81
C TYR A 34 -1.84 3.24 -4.38
N GLN A 35 -0.78 2.46 -4.60
CA GLN A 35 0.45 3.02 -5.15
C GLN A 35 0.20 3.59 -6.55
N PHE A 36 -0.49 2.83 -7.41
CA PHE A 36 -0.75 3.28 -8.77
C PHE A 36 -1.44 4.63 -8.79
N GLU A 37 -2.33 4.88 -7.82
CA GLU A 37 -3.07 6.13 -7.79
C GLU A 37 -2.31 7.24 -7.07
N GLU A 38 -1.96 7.04 -5.80
CA GLU A 38 -1.41 8.18 -5.08
C GLU A 38 0.09 8.37 -5.30
N VAL A 39 0.85 7.29 -5.54
CA VAL A 39 2.30 7.42 -5.61
C VAL A 39 2.79 7.57 -7.05
N LEU A 40 2.24 6.79 -7.97
CA LEU A 40 2.69 6.76 -9.36
C LEU A 40 1.78 7.51 -10.32
N HIS A 41 0.51 7.70 -9.96
CA HIS A 41 -0.44 8.42 -10.80
C HIS A 41 -0.49 7.81 -12.21
N ILE A 42 -0.65 6.50 -12.24
CA ILE A 42 -0.58 5.77 -13.51
C ILE A 42 -1.60 6.31 -14.50
N SER A 43 -2.84 6.48 -14.05
CA SER A 43 -3.89 6.90 -14.97
C SER A 43 -3.57 8.24 -15.60
N ASP A 44 -3.08 9.19 -14.79
N ASP A 44 -3.09 9.19 -14.78
CA ASP A 44 -2.77 10.52 -15.30
CA ASP A 44 -2.76 10.51 -15.29
C ASP A 44 -1.67 10.46 -16.35
C ASP A 44 -1.68 10.46 -16.35
N ASN A 45 -0.62 9.68 -16.10
CA ASN A 45 0.51 9.64 -17.02
C ASN A 45 0.20 8.86 -18.29
N VAL A 46 -0.74 7.92 -18.24
CA VAL A 46 -1.18 7.26 -19.49
C VAL A 46 -1.97 8.29 -20.33
N LYS A 47 -2.88 9.02 -19.71
CA LYS A 47 -3.74 9.96 -20.47
C LYS A 47 -2.90 11.00 -21.20
N LYS A 48 -1.85 11.43 -20.55
CA LYS A 48 -0.98 12.46 -21.15
C LYS A 48 -0.30 11.93 -22.42
N LYS A 49 -0.10 10.62 -22.53
CA LYS A 49 0.66 10.08 -23.67
C LYS A 49 -0.28 9.59 -24.76
N LEU A 50 -1.58 9.63 -24.50
CA LEU A 50 -2.56 9.17 -25.52
C LEU A 50 -3.18 10.36 -26.26
N PRO A 51 -3.72 10.15 -27.47
CA PRO A 51 -4.40 11.24 -28.20
C PRO A 51 -5.48 11.95 -27.37
N GLU A 52 -5.69 13.23 -27.62
CA GLU A 52 -6.67 14.04 -26.84
C GLU A 52 -8.08 13.43 -26.96
N GLY A 53 -8.81 13.38 -25.87
CA GLY A 53 -10.20 12.88 -25.94
C GLY A 53 -10.30 11.37 -26.04
N VAL A 54 -9.22 10.66 -25.73
CA VAL A 54 -9.30 9.16 -25.73
C VAL A 54 -10.16 8.74 -24.56
N LYS A 55 -10.85 7.61 -24.74
CA LYS A 55 -11.75 7.15 -23.68
C LYS A 55 -10.97 6.30 -22.71
N MET A 56 -10.77 6.82 -21.52
CA MET A 56 -10.20 6.00 -20.46
C MET A 56 -11.31 5.68 -19.47
N THR A 57 -11.40 4.40 -19.10
CA THR A 57 -12.43 3.95 -18.19
C THR A 57 -11.77 3.28 -17.00
N LYS A 58 -12.31 3.50 -15.81
CA LYS A 58 -11.74 2.93 -14.60
C LYS A 58 -12.87 2.34 -13.75
N TYR A 59 -12.78 1.04 -13.45
CA TYR A 59 -13.85 0.34 -12.77
C TYR A 59 -13.34 -0.35 -11.50
N HIS A 60 -14.19 -0.39 -10.47
CA HIS A 60 -13.89 -1.09 -9.22
C HIS A 60 -14.33 -2.55 -9.32
N VAL A 61 -13.79 -3.40 -8.44
CA VAL A 61 -14.08 -4.83 -8.51
C VAL A 61 -14.60 -5.30 -7.15
N ASN A 62 -15.31 -6.44 -7.17
CA ASN A 62 -15.92 -6.94 -5.94
C ASN A 62 -15.05 -7.94 -5.18
N PHE A 63 -14.03 -8.53 -5.81
CA PHE A 63 -13.51 -9.77 -5.25
C PHE A 63 -12.55 -9.57 -4.07
N MET A 64 -12.29 -8.34 -3.64
CA MET A 64 -11.52 -8.07 -2.43
C MET A 64 -12.41 -7.37 -1.42
N GLY A 65 -12.32 -7.79 -0.15
CA GLY A 65 -13.01 -7.03 0.87
C GLY A 65 -14.43 -7.44 1.17
N GLY A 66 -14.89 -8.58 0.63
CA GLY A 66 -16.20 -9.09 1.02
C GLY A 66 -17.30 -8.06 0.89
N ASP A 67 -18.08 -7.89 1.95
CA ASP A 67 -19.24 -7.01 1.88
C ASP A 67 -18.84 -5.57 1.56
N LEU A 68 -17.83 -5.06 2.26
CA LEU A 68 -17.38 -3.69 2.00
C LEU A 68 -16.85 -3.53 0.58
N GLY A 69 -16.18 -4.55 0.05
CA GLY A 69 -15.72 -4.47 -1.34
C GLY A 69 -16.86 -4.21 -2.31
N LYS A 70 -17.99 -4.90 -2.12
CA LYS A 70 -19.16 -4.66 -2.95
C LYS A 70 -19.75 -3.28 -2.71
N ASP A 71 -19.77 -2.83 -1.44
CA ASP A 71 -20.23 -1.47 -1.17
C ASP A 71 -19.37 -0.47 -1.91
N LEU A 72 -18.06 -0.72 -1.99
CA LEU A 72 -17.20 0.23 -2.67
C LEU A 72 -17.43 0.23 -4.16
N THR A 73 -17.76 -0.91 -4.76
CA THR A 73 -18.11 -0.90 -6.18
C THR A 73 -19.34 -0.04 -6.42
N GLN A 74 -20.33 -0.11 -5.52
CA GLN A 74 -21.51 0.75 -5.64
C GLN A 74 -21.14 2.21 -5.38
N ALA A 75 -20.26 2.47 -4.40
CA ALA A 75 -19.83 3.85 -4.15
C ALA A 75 -19.06 4.41 -5.34
N TRP A 76 -18.25 3.57 -6.00
CA TRP A 76 -17.54 4.04 -7.18
C TRP A 76 -18.52 4.35 -8.31
N ALA A 77 -19.58 3.53 -8.45
CA ALA A 77 -20.66 3.87 -9.36
C ALA A 77 -21.24 5.25 -9.04
N VAL A 78 -21.50 5.54 -7.76
CA VAL A 78 -21.96 6.88 -7.39
C VAL A 78 -20.94 7.92 -7.82
N ALA A 79 -19.66 7.69 -7.52
CA ALA A 79 -18.62 8.63 -7.91
C ALA A 79 -18.65 8.89 -9.41
N MET A 80 -18.77 7.84 -10.23
CA MET A 80 -18.82 8.03 -11.68
C MET A 80 -20.08 8.78 -12.09
N ALA A 81 -21.22 8.45 -11.47
CA ALA A 81 -22.48 9.09 -11.86
C ALA A 81 -22.46 10.58 -11.56
N LEU A 82 -21.89 10.98 -10.42
CA LEU A 82 -21.82 12.38 -10.03
C LEU A 82 -20.60 13.09 -10.61
N GLY A 83 -19.64 12.35 -11.16
CA GLY A 83 -18.43 12.96 -11.69
C GLY A 83 -17.46 13.46 -10.64
N VAL A 84 -17.39 12.79 -9.49
CA VAL A 84 -16.57 13.25 -8.37
C VAL A 84 -15.43 12.27 -8.06
N GLU A 85 -15.05 11.43 -9.04
CA GLU A 85 -13.92 10.52 -8.86
C GLU A 85 -12.71 11.23 -8.29
N ASP A 86 -12.37 12.38 -8.86
CA ASP A 86 -11.16 13.10 -8.48
C ASP A 86 -11.22 13.63 -7.06
N LYS A 87 -12.41 13.70 -6.47
CA LYS A 87 -12.55 14.21 -5.11
C LYS A 87 -12.53 13.13 -4.04
N VAL A 88 -12.89 11.90 -4.39
CA VAL A 88 -13.05 10.84 -3.39
C VAL A 88 -12.01 9.75 -3.50
N THR A 89 -11.26 9.66 -4.61
CA THR A 89 -10.38 8.50 -4.76
C THR A 89 -9.32 8.46 -3.66
N VAL A 90 -8.63 9.56 -3.44
CA VAL A 90 -7.61 9.60 -2.37
C VAL A 90 -8.23 9.30 -1.00
N PRO A 91 -9.28 10.00 -0.57
CA PRO A 91 -9.80 9.71 0.78
C PRO A 91 -10.39 8.32 0.92
N LEU A 92 -10.88 7.71 -0.18
CA LEU A 92 -11.33 6.33 -0.07
C LEU A 92 -10.16 5.37 0.12
N PHE A 93 -9.10 5.51 -0.68
CA PHE A 93 -7.90 4.71 -0.44
C PHE A 93 -7.38 4.89 0.98
N GLU A 94 -7.25 6.13 1.42
CA GLU A 94 -6.71 6.34 2.76
C GLU A 94 -7.64 5.80 3.84
N GLY A 95 -8.96 5.94 3.65
CA GLY A 95 -9.88 5.40 4.63
C GLY A 95 -9.85 3.89 4.72
N VAL A 96 -9.63 3.21 3.59
CA VAL A 96 -9.58 1.75 3.67
C VAL A 96 -8.22 1.28 4.15
N GLN A 97 -7.12 1.81 3.57
CA GLN A 97 -5.80 1.24 3.80
C GLN A 97 -4.92 2.02 4.77
N LYS A 98 -5.08 3.34 4.89
CA LYS A 98 -4.19 4.11 5.77
C LYS A 98 -4.73 4.21 7.18
N THR A 99 -5.89 4.84 7.34
CA THR A 99 -6.50 5.02 8.67
C THR A 99 -7.39 3.86 9.06
N GLN A 100 -7.88 3.10 8.08
CA GLN A 100 -8.80 2.00 8.34
C GLN A 100 -10.01 2.48 9.11
N THR A 101 -10.48 3.68 8.75
CA THR A 101 -11.70 4.24 9.30
C THR A 101 -12.94 3.89 8.47
N ILE A 102 -12.77 3.25 7.31
CA ILE A 102 -13.90 2.83 6.50
C ILE A 102 -14.20 1.38 6.86
N ARG A 103 -15.25 1.19 7.65
CA ARG A 103 -15.67 -0.14 8.05
C ARG A 103 -17.10 -0.47 7.65
N SER A 104 -17.84 0.49 7.10
CA SER A 104 -19.25 0.31 6.82
C SER A 104 -19.65 1.18 5.63
N ALA A 105 -20.83 0.88 5.07
CA ALA A 105 -21.34 1.73 4.02
C ALA A 105 -21.52 3.16 4.51
N SER A 106 -21.90 3.34 5.77
CA SER A 106 -22.00 4.69 6.31
C SER A 106 -20.64 5.40 6.30
N ASP A 107 -19.57 4.68 6.62
CA ASP A 107 -18.25 5.33 6.61
C ASP A 107 -17.84 5.73 5.20
N ILE A 108 -18.24 4.96 4.18
CA ILE A 108 -17.95 5.35 2.81
C ILE A 108 -18.70 6.65 2.49
N ARG A 109 -19.99 6.69 2.84
CA ARG A 109 -20.79 7.90 2.66
C ARG A 109 -20.13 9.12 3.31
N ASP A 110 -19.58 8.96 4.51
CA ASP A 110 -18.91 10.09 5.20
C ASP A 110 -17.82 10.71 4.33
N VAL A 111 -17.10 9.87 3.58
CA VAL A 111 -16.03 10.38 2.72
C VAL A 111 -16.59 11.30 1.66
N PHE A 112 -17.73 10.91 1.08
CA PHE A 112 -18.38 11.76 0.08
C PHE A 112 -18.90 13.05 0.71
N ILE A 113 -19.51 12.96 1.90
CA ILE A 113 -19.99 14.14 2.60
C ILE A 113 -18.83 15.10 2.87
N ASN A 114 -17.72 14.56 3.38
CA ASN A 114 -16.58 15.42 3.68
C ASN A 114 -16.02 16.06 2.41
N ALA A 115 -16.09 15.35 1.29
CA ALA A 115 -15.62 15.90 0.03
C ALA A 115 -16.59 16.91 -0.58
N GLY A 116 -17.73 17.16 0.04
CA GLY A 116 -18.62 18.20 -0.42
C GLY A 116 -19.83 17.73 -1.20
N ILE A 117 -20.04 16.43 -1.34
CA ILE A 117 -21.26 15.93 -1.94
C ILE A 117 -22.38 16.00 -0.91
N LYS A 118 -23.49 16.61 -1.26
CA LYS A 118 -24.56 16.79 -0.30
C LYS A 118 -25.17 15.43 0.04
N GLY A 119 -25.61 15.29 1.29
CA GLY A 119 -26.13 14.00 1.74
C GLY A 119 -27.30 13.51 0.91
N GLU A 120 -28.26 14.39 0.64
CA GLU A 120 -29.44 13.99 -0.14
C GLU A 120 -29.03 13.53 -1.54
N GLU A 121 -28.00 14.15 -2.10
CA GLU A 121 -27.54 13.85 -3.45
C GLU A 121 -26.82 12.50 -3.48
N TYR A 122 -25.96 12.26 -2.48
CA TYR A 122 -25.32 10.95 -2.34
C TYR A 122 -26.37 9.85 -2.21
N ASP A 123 -27.35 10.05 -1.33
CA ASP A 123 -28.33 9.01 -1.08
C ASP A 123 -29.20 8.76 -2.29
N ALA A 124 -29.64 9.82 -2.96
CA ALA A 124 -30.42 9.66 -4.20
C ALA A 124 -29.62 8.85 -5.22
N ALA A 125 -28.35 9.22 -5.42
CA ALA A 125 -27.52 8.47 -6.35
C ALA A 125 -27.34 7.03 -5.91
N TRP A 126 -26.98 6.82 -4.63
CA TRP A 126 -26.74 5.48 -4.12
C TRP A 126 -27.91 4.54 -4.43
N ASN A 127 -29.12 5.04 -4.30
CA ASN A 127 -30.33 4.25 -4.51
C ASN A 127 -30.84 4.27 -5.95
N SER A 128 -30.15 4.93 -6.87
CA SER A 128 -30.68 5.14 -8.21
C SER A 128 -30.44 3.92 -9.09
N PHE A 129 -31.31 3.73 -10.09
CA PHE A 129 -31.07 2.68 -11.06
C PHE A 129 -30.00 3.04 -12.07
N VAL A 130 -29.73 4.34 -12.27
CA VAL A 130 -28.53 4.73 -13.00
C VAL A 130 -27.29 4.14 -12.35
N VAL A 131 -27.23 4.16 -11.00
CA VAL A 131 -26.08 3.59 -10.29
C VAL A 131 -26.12 2.07 -10.36
N LYS A 132 -27.30 1.46 -10.24
CA LYS A 132 -27.38 0.01 -10.42
C LYS A 132 -26.85 -0.41 -11.78
N SER A 133 -27.13 0.37 -12.82
CA SER A 133 -26.65 0.02 -14.15
C SER A 133 -25.14 0.21 -14.25
N LEU A 134 -24.60 1.25 -13.59
CA LEU A 134 -23.15 1.43 -13.53
C LEU A 134 -22.48 0.27 -12.79
N VAL A 135 -23.13 -0.24 -11.74
CA VAL A 135 -22.58 -1.40 -11.03
C VAL A 135 -22.55 -2.61 -11.96
N ALA A 136 -23.66 -2.86 -12.65
CA ALA A 136 -23.72 -3.95 -13.64
C ALA A 136 -22.64 -3.79 -14.70
N GLN A 137 -22.39 -2.56 -15.14
CA GLN A 137 -21.35 -2.37 -16.16
C GLN A 137 -20.00 -2.75 -15.62
N GLN A 138 -19.69 -2.35 -14.38
CA GLN A 138 -18.39 -2.71 -13.80
C GLN A 138 -18.24 -4.22 -13.69
N GLU A 139 -19.28 -4.90 -13.22
CA GLU A 139 -19.21 -6.35 -13.10
C GLU A 139 -19.08 -7.02 -14.47
N LYS A 140 -19.84 -6.54 -15.47
CA LYS A 140 -19.80 -7.17 -16.79
C LYS A 140 -18.43 -7.03 -17.42
N ALA A 141 -17.85 -5.85 -17.32
CA ALA A 141 -16.52 -5.61 -17.88
C ALA A 141 -15.48 -6.54 -17.26
N ALA A 142 -15.51 -6.70 -15.94
CA ALA A 142 -14.58 -7.62 -15.28
C ALA A 142 -14.86 -9.05 -15.70
N ALA A 143 -16.14 -9.42 -15.80
CA ALA A 143 -16.49 -10.77 -16.21
C ALA A 143 -15.98 -11.05 -17.62
N ASP A 144 -16.06 -10.06 -18.51
CA ASP A 144 -15.59 -10.25 -19.88
C ASP A 144 -14.16 -10.76 -19.95
N VAL A 145 -13.36 -10.66 -18.87
CA VAL A 145 -12.01 -11.22 -18.91
C VAL A 145 -11.66 -12.05 -17.67
N GLN A 146 -12.66 -12.68 -17.05
CA GLN A 146 -12.45 -13.52 -15.87
C GLN A 146 -11.38 -12.93 -14.94
N LEU A 147 -11.49 -11.64 -14.68
CA LEU A 147 -10.49 -10.90 -13.90
C LEU A 147 -10.34 -11.43 -12.47
N ARG A 148 -9.08 -11.70 -12.10
CA ARG A 148 -8.78 -12.24 -10.76
C ARG A 148 -7.68 -11.44 -10.09
N GLY A 149 -7.14 -10.41 -10.74
CA GLY A 149 -6.10 -9.66 -10.10
C GLY A 149 -6.26 -8.22 -10.49
N VAL A 150 -6.02 -7.36 -9.52
CA VAL A 150 -5.86 -5.94 -9.77
C VAL A 150 -4.52 -5.55 -9.17
N PRO A 151 -3.95 -4.42 -9.59
CA PRO A 151 -4.49 -3.57 -10.65
C PRO A 151 -4.37 -4.26 -12.00
N ALA A 152 -5.19 -3.85 -12.96
CA ALA A 152 -5.14 -4.45 -14.29
C ALA A 152 -5.53 -3.37 -15.29
N MET A 153 -4.89 -3.39 -16.46
CA MET A 153 -5.24 -2.47 -17.54
C MET A 153 -5.32 -3.23 -18.85
N PHE A 154 -6.39 -2.96 -19.60
CA PHE A 154 -6.69 -3.60 -20.88
C PHE A 154 -6.78 -2.52 -21.95
N VAL A 155 -6.27 -2.82 -23.14
CA VAL A 155 -6.22 -1.87 -24.23
C VAL A 155 -7.01 -2.48 -25.39
N ASN A 156 -8.08 -1.80 -25.81
CA ASN A 156 -8.92 -2.22 -26.94
C ASN A 156 -9.37 -3.67 -26.80
N GLY A 157 -9.75 -4.05 -25.59
CA GLY A 157 -10.25 -5.39 -25.34
C GLY A 157 -9.35 -6.54 -25.76
N LYS A 158 -8.11 -6.25 -26.13
CA LYS A 158 -7.23 -7.25 -26.72
C LYS A 158 -5.96 -7.50 -25.93
N TYR A 159 -5.39 -6.50 -25.25
CA TYR A 159 -4.07 -6.64 -24.66
C TYR A 159 -4.13 -6.25 -23.20
N GLN A 160 -3.41 -6.98 -22.37
CA GLN A 160 -3.34 -6.74 -20.93
C GLN A 160 -1.92 -6.31 -20.57
N LEU A 161 -1.82 -5.19 -19.86
CA LEU A 161 -0.52 -4.72 -19.40
C LEU A 161 0.09 -5.72 -18.43
N ASN A 162 1.40 -5.94 -18.55
CA ASN A 162 2.15 -6.83 -17.66
C ASN A 162 3.25 -6.02 -16.96
N PRO A 163 2.92 -5.34 -15.86
CA PRO A 163 3.94 -4.56 -15.14
C PRO A 163 5.02 -5.40 -14.48
N GLN A 164 4.78 -6.70 -14.28
CA GLN A 164 5.79 -7.54 -13.64
C GLN A 164 7.08 -7.60 -14.44
N GLY A 165 7.03 -7.27 -15.73
CA GLY A 165 8.21 -7.29 -16.56
C GLY A 165 8.75 -5.90 -16.87
N MET A 166 8.75 -5.02 -15.87
CA MET A 166 9.25 -3.66 -16.01
C MET A 166 10.14 -3.35 -14.80
N ASP A 167 11.23 -2.62 -15.04
CA ASP A 167 12.17 -2.33 -13.96
C ASP A 167 11.53 -1.37 -12.96
N THR A 168 11.75 -1.64 -11.68
CA THR A 168 11.06 -0.96 -10.59
C THR A 168 12.05 -0.24 -9.67
N SER A 169 13.27 -0.04 -10.16
CA SER A 169 14.28 0.68 -9.41
C SER A 169 13.95 2.16 -9.31
N ASN A 170 13.30 2.70 -10.34
CA ASN A 170 13.02 4.13 -10.43
C ASN A 170 11.53 4.28 -10.72
N MET A 171 10.80 4.95 -9.83
CA MET A 171 9.36 5.02 -10.00
C MET A 171 8.99 5.77 -11.28
N ASP A 172 9.68 6.87 -11.59
CA ASP A 172 9.34 7.65 -12.79
C ASP A 172 9.60 6.83 -14.06
N VAL A 173 10.71 6.13 -14.11
CA VAL A 173 11.02 5.30 -15.28
C VAL A 173 9.98 4.21 -15.46
N PHE A 174 9.55 3.58 -14.36
CA PHE A 174 8.51 2.58 -14.43
C PHE A 174 7.21 3.15 -15.02
N VAL A 175 6.78 4.31 -14.49
CA VAL A 175 5.55 4.93 -14.96
C VAL A 175 5.64 5.22 -16.45
N GLN A 176 6.79 5.73 -16.87
CA GLN A 176 7.01 6.09 -18.26
C GLN A 176 6.97 4.86 -19.16
N GLN A 177 7.60 3.77 -18.73
CA GLN A 177 7.56 2.55 -19.51
C GLN A 177 6.13 2.01 -19.62
N TYR A 178 5.40 2.04 -18.50
CA TYR A 178 4.00 1.60 -18.51
C TYR A 178 3.17 2.43 -19.48
N ALA A 179 3.29 3.75 -19.39
CA ALA A 179 2.51 4.64 -20.24
C ALA A 179 2.90 4.47 -21.70
N ASP A 180 4.21 4.39 -21.99
CA ASP A 180 4.66 4.17 -23.36
C ASP A 180 4.18 2.84 -23.91
N THR A 181 4.06 1.82 -23.06
CA THR A 181 3.50 0.54 -23.50
C THR A 181 2.03 0.67 -23.85
N VAL A 182 1.24 1.36 -23.02
CA VAL A 182 -0.16 1.59 -23.37
C VAL A 182 -0.27 2.30 -24.72
N LYS A 183 0.56 3.32 -24.92
CA LYS A 183 0.53 4.06 -26.19
C LYS A 183 0.83 3.12 -27.36
N TYR A 184 1.88 2.31 -27.23
CA TYR A 184 2.22 1.35 -28.27
C TYR A 184 1.05 0.40 -28.56
N LEU A 185 0.41 -0.10 -27.49
CA LEU A 185 -0.71 -1.02 -27.69
C LEU A 185 -1.87 -0.33 -28.36
N SER A 186 -2.18 0.90 -27.95
CA SER A 186 -3.31 1.60 -28.53
C SER A 186 -3.11 1.85 -30.02
N GLU A 187 -1.86 1.97 -30.48
CA GLU A 187 -1.53 2.19 -31.88
C GLU A 187 -1.42 0.89 -32.67
N LYS A 188 -1.57 -0.26 -32.04
CA LYS A 188 -1.49 -1.53 -32.77
C LYS A 188 -2.69 -1.66 -33.70
N ALA B 1 -5.69 -14.49 31.16
CA ALA B 1 -6.61 -13.54 31.84
C ALA B 1 -7.25 -12.64 30.78
N GLN B 2 -6.74 -11.42 30.64
CA GLN B 2 -7.34 -10.45 29.67
C GLN B 2 -7.01 -10.86 28.25
N TYR B 3 -5.86 -11.50 28.09
CA TYR B 3 -5.37 -11.76 26.76
C TYR B 3 -5.42 -13.25 26.44
N GLU B 4 -6.17 -13.60 25.39
CA GLU B 4 -6.37 -14.98 24.97
C GLU B 4 -5.73 -15.21 23.60
N ASP B 5 -4.96 -16.29 23.48
CA ASP B 5 -4.41 -16.69 22.20
C ASP B 5 -5.50 -16.71 21.14
N GLY B 6 -5.28 -15.98 20.05
CA GLY B 6 -6.27 -15.81 19.01
C GLY B 6 -7.03 -14.50 19.05
N LYS B 7 -7.06 -13.82 20.20
CA LYS B 7 -7.70 -12.52 20.31
C LYS B 7 -6.71 -11.40 20.01
N GLN B 8 -6.14 -10.81 21.07
CA GLN B 8 -5.19 -9.70 20.88
C GLN B 8 -3.89 -10.15 20.22
N TYR B 9 -3.63 -11.45 20.10
CA TYR B 9 -2.36 -11.96 19.60
C TYR B 9 -2.54 -13.37 19.10
N THR B 10 -1.51 -13.88 18.40
CA THR B 10 -1.46 -15.27 17.98
C THR B 10 -0.07 -15.84 18.26
N THR B 11 0.04 -17.17 18.19
CA THR B 11 1.26 -17.89 18.52
C THR B 11 1.84 -18.57 17.29
N LEU B 12 3.16 -18.46 17.12
CA LEU B 12 3.85 -19.03 15.98
C LEU B 12 4.10 -20.52 16.19
N GLU B 13 3.64 -21.34 15.24
CA GLU B 13 3.89 -22.77 15.32
C GLU B 13 5.38 -23.07 15.42
N LYS B 14 6.20 -22.34 14.67
CA LYS B 14 7.65 -22.51 14.65
C LYS B 14 8.32 -21.29 15.29
N PRO B 15 8.52 -21.28 16.60
CA PRO B 15 9.12 -20.11 17.24
C PRO B 15 10.51 -19.84 16.72
N VAL B 16 10.88 -18.56 16.70
CA VAL B 16 12.18 -18.12 16.21
C VAL B 16 13.14 -17.99 17.39
N ALA B 17 14.30 -18.64 17.28
CA ALA B 17 15.30 -18.63 18.33
C ALA B 17 16.23 -17.43 18.18
N GLY B 18 16.54 -16.78 19.30
CA GLY B 18 17.37 -15.59 19.27
C GLY B 18 16.73 -14.37 18.69
N ALA B 19 15.41 -14.36 18.50
CA ALA B 19 14.74 -13.22 17.92
C ALA B 19 14.83 -12.03 18.87
N PRO B 20 14.63 -10.81 18.35
CA PRO B 20 14.54 -9.65 19.23
C PRO B 20 13.34 -9.79 20.16
N GLN B 21 13.44 -9.15 21.33
CA GLN B 21 12.33 -9.20 22.29
C GLN B 21 11.06 -8.59 21.71
N VAL B 22 11.19 -7.41 21.11
CA VAL B 22 10.04 -6.72 20.50
C VAL B 22 10.47 -6.28 19.11
N LEU B 23 9.86 -6.88 18.09
CA LEU B 23 10.30 -6.72 16.71
C LEU B 23 9.14 -6.23 15.86
N GLU B 24 9.25 -5.02 15.33
CA GLU B 24 8.32 -4.49 14.33
C GLU B 24 8.88 -4.67 12.92
N PHE B 25 7.97 -4.96 11.97
CA PHE B 25 8.27 -4.89 10.55
C PHE B 25 7.40 -3.83 9.91
N PHE B 26 7.99 -3.07 9.00
CA PHE B 26 7.27 -1.99 8.31
C PHE B 26 7.89 -1.79 6.94
N SER B 27 7.27 -0.91 6.15
CA SER B 27 7.85 -0.45 4.90
C SER B 27 7.54 1.03 4.75
N PHE B 28 8.47 1.78 4.13
CA PHE B 28 8.16 3.19 3.86
C PHE B 28 7.12 3.37 2.76
N PHE B 29 6.79 2.30 2.03
CA PHE B 29 5.70 2.33 1.06
C PHE B 29 4.35 2.05 1.69
N CYS B 30 4.31 1.76 2.98
CA CYS B 30 3.13 1.21 3.65
C CYS B 30 2.37 2.32 4.38
N PRO B 31 1.22 2.77 3.88
CA PRO B 31 0.52 3.90 4.54
C PRO B 31 -0.03 3.54 5.92
N HIS B 32 -0.49 2.30 6.13
CA HIS B 32 -0.90 1.93 7.49
C HIS B 32 0.28 1.89 8.45
N CYS B 33 1.49 1.62 7.95
CA CYS B 33 2.67 1.71 8.80
C CYS B 33 2.90 3.15 9.25
N TYR B 34 2.78 4.10 8.31
CA TYR B 34 2.91 5.51 8.67
C TYR B 34 1.88 5.90 9.71
N GLN B 35 0.64 5.47 9.49
CA GLN B 35 -0.42 5.68 10.46
C GLN B 35 -0.03 5.14 11.84
N PHE B 36 0.45 3.90 11.90
CA PHE B 36 0.82 3.31 13.19
C PHE B 36 1.92 4.13 13.86
N GLU B 37 2.96 4.46 13.10
CA GLU B 37 4.16 5.02 13.72
C GLU B 37 4.03 6.51 14.01
N GLU B 38 3.43 7.29 13.12
CA GLU B 38 3.50 8.74 13.21
C GLU B 38 2.16 9.45 13.42
N VAL B 39 1.04 8.75 13.34
CA VAL B 39 -0.25 9.30 13.71
C VAL B 39 -0.73 8.72 15.02
N LEU B 40 -0.73 7.39 15.14
CA LEU B 40 -1.14 6.75 16.39
C LEU B 40 0.01 6.64 17.39
N HIS B 41 1.25 6.74 16.94
CA HIS B 41 2.42 6.68 17.82
C HIS B 41 2.43 5.37 18.62
N ILE B 42 2.18 4.26 17.92
CA ILE B 42 2.07 3.00 18.63
C ILE B 42 3.41 2.60 19.24
N SER B 43 4.51 2.83 18.51
CA SER B 43 5.83 2.50 19.07
C SER B 43 6.12 3.30 20.32
N ASP B 44 5.80 4.59 20.32
CA ASP B 44 6.00 5.40 21.52
C ASP B 44 5.20 4.85 22.69
N ASN B 45 3.95 4.48 22.43
CA ASN B 45 3.08 4.02 23.51
C ASN B 45 3.46 2.62 23.99
N VAL B 46 3.94 1.76 23.08
CA VAL B 46 4.48 0.47 23.50
C VAL B 46 5.68 0.68 24.43
N LYS B 47 6.63 1.50 23.99
CA LYS B 47 7.87 1.70 24.74
C LYS B 47 7.63 2.28 26.13
N LYS B 48 6.70 3.23 26.26
CA LYS B 48 6.40 3.81 27.56
C LYS B 48 6.05 2.73 28.56
N LYS B 49 5.49 1.63 28.11
CA LYS B 49 4.95 0.61 28.99
C LYS B 49 5.81 -0.65 29.05
N LEU B 50 6.88 -0.72 28.27
CA LEU B 50 7.70 -1.92 28.25
C LEU B 50 8.48 -2.04 29.56
N PRO B 51 8.69 -3.27 30.03
CA PRO B 51 9.46 -3.46 31.27
C PRO B 51 10.89 -2.97 31.15
N GLU B 52 11.68 -3.27 32.17
CA GLU B 52 13.05 -2.78 32.24
C GLU B 52 13.94 -3.50 31.23
N GLY B 53 14.72 -2.74 30.49
CA GLY B 53 15.73 -3.32 29.63
C GLY B 53 15.20 -4.03 28.41
N VAL B 54 13.96 -3.77 28.02
CA VAL B 54 13.39 -4.31 26.79
C VAL B 54 13.57 -3.26 25.69
N LYS B 55 14.32 -3.62 24.65
CA LYS B 55 14.55 -2.73 23.52
C LYS B 55 13.54 -3.01 22.41
N MET B 56 13.19 -1.96 21.67
CA MET B 56 12.36 -2.09 20.48
C MET B 56 13.26 -2.24 19.27
N THR B 57 12.97 -3.23 18.44
CA THR B 57 13.66 -3.40 17.17
C THR B 57 12.65 -3.17 16.04
N LYS B 58 13.07 -2.40 15.04
CA LYS B 58 12.23 -2.11 13.87
C LYS B 58 13.01 -2.47 12.62
N TYR B 59 12.44 -3.33 11.77
CA TYR B 59 13.06 -3.77 10.54
C TYR B 59 12.21 -3.37 9.34
N HIS B 60 12.88 -3.01 8.26
CA HIS B 60 12.21 -2.70 7.00
C HIS B 60 12.14 -3.97 6.15
N VAL B 61 11.10 -4.03 5.31
CA VAL B 61 10.88 -5.20 4.46
C VAL B 61 10.92 -4.76 3.01
N ASN B 62 11.26 -5.71 2.12
CA ASN B 62 11.47 -5.44 0.71
C ASN B 62 10.20 -5.55 -0.14
N PHE B 63 9.21 -6.31 0.30
CA PHE B 63 8.19 -6.79 -0.62
C PHE B 63 7.16 -5.73 -1.00
N MET B 64 7.37 -4.49 -0.58
CA MET B 64 6.59 -3.35 -1.08
C MET B 64 7.52 -2.45 -1.88
N GLY B 65 7.08 -2.05 -3.07
CA GLY B 65 7.83 -1.10 -3.88
C GLY B 65 8.94 -1.66 -4.76
N GLY B 66 8.91 -2.95 -5.07
CA GLY B 66 9.87 -3.52 -6.02
C GLY B 66 11.32 -3.29 -5.63
N ASP B 67 12.16 -3.01 -6.64
CA ASP B 67 13.60 -2.83 -6.39
C ASP B 67 13.89 -1.59 -5.55
N LEU B 68 13.05 -0.56 -5.64
CA LEU B 68 13.21 0.58 -4.76
C LEU B 68 12.92 0.18 -3.32
N GLY B 69 12.00 -0.78 -3.13
CA GLY B 69 11.79 -1.32 -1.80
C GLY B 69 13.06 -1.86 -1.17
N LYS B 70 13.86 -2.59 -1.95
CA LYS B 70 15.11 -3.13 -1.40
C LYS B 70 16.09 -2.01 -1.06
N ASP B 71 16.15 -0.96 -1.88
CA ASP B 71 17.03 0.16 -1.56
C ASP B 71 16.62 0.80 -0.24
N LEU B 72 15.31 0.84 0.05
CA LEU B 72 14.87 1.43 1.31
C LEU B 72 15.19 0.54 2.51
N THR B 73 15.17 -0.79 2.32
CA THR B 73 15.66 -1.68 3.37
C THR B 73 17.13 -1.39 3.67
N GLN B 74 17.95 -1.22 2.63
CA GLN B 74 19.35 -0.86 2.84
C GLN B 74 19.46 0.52 3.48
N ALA B 75 18.60 1.45 3.06
CA ALA B 75 18.65 2.78 3.66
C ALA B 75 18.29 2.74 5.15
N TRP B 76 17.31 1.91 5.50
CA TRP B 76 16.98 1.76 6.92
C TRP B 76 18.14 1.15 7.70
N ALA B 77 18.87 0.21 7.07
CA ALA B 77 20.09 -0.30 7.69
C ALA B 77 21.09 0.82 7.94
N VAL B 78 21.24 1.72 6.97
CA VAL B 78 22.11 2.88 7.18
C VAL B 78 21.59 3.73 8.33
N ALA B 79 20.27 3.95 8.38
CA ALA B 79 19.71 4.77 9.44
C ALA B 79 19.98 4.16 10.82
N MET B 80 19.84 2.85 10.95
CA MET B 80 20.17 2.17 12.20
C MET B 80 21.65 2.26 12.49
N ALA B 81 22.49 2.03 11.47
CA ALA B 81 23.93 2.02 11.70
C ALA B 81 24.43 3.39 12.17
N LEU B 82 23.82 4.46 11.67
CA LEU B 82 24.21 5.83 11.99
C LEU B 82 23.50 6.37 13.22
N GLY B 83 22.48 5.66 13.70
CA GLY B 83 21.63 6.15 14.77
C GLY B 83 20.83 7.39 14.42
N VAL B 84 20.30 7.47 13.19
CA VAL B 84 19.53 8.63 12.78
C VAL B 84 18.08 8.27 12.46
N GLU B 85 17.58 7.16 13.01
CA GLU B 85 16.19 6.75 12.77
C GLU B 85 15.24 7.91 13.02
N ASP B 86 15.42 8.62 14.13
CA ASP B 86 14.47 9.67 14.47
C ASP B 86 14.71 10.96 13.71
N LYS B 87 15.67 10.96 12.78
CA LYS B 87 15.87 12.10 11.91
C LYS B 87 15.37 11.87 10.49
N VAL B 88 15.27 10.61 10.04
CA VAL B 88 14.91 10.34 8.65
C VAL B 88 13.56 9.65 8.49
N THR B 89 12.91 9.22 9.56
CA THR B 89 11.73 8.38 9.39
C THR B 89 10.58 9.14 8.72
N VAL B 90 10.30 10.34 9.18
CA VAL B 90 9.18 11.08 8.61
C VAL B 90 9.57 11.62 7.24
N PRO B 91 10.78 12.13 7.04
CA PRO B 91 11.17 12.55 5.67
C PRO B 91 11.12 11.42 4.66
N LEU B 92 11.49 10.21 5.06
CA LEU B 92 11.39 9.07 4.16
C LEU B 92 9.93 8.74 3.88
N PHE B 93 9.09 8.67 4.93
CA PHE B 93 7.67 8.42 4.70
C PHE B 93 7.06 9.50 3.82
N GLU B 94 7.35 10.77 4.14
CA GLU B 94 6.76 11.88 3.39
C GLU B 94 7.27 11.89 1.96
N GLY B 95 8.57 11.67 1.79
CA GLY B 95 9.13 11.70 0.44
C GLY B 95 8.59 10.60 -0.45
N VAL B 96 8.38 9.40 0.11
CA VAL B 96 7.82 8.31 -0.67
C VAL B 96 6.33 8.54 -0.92
N GLN B 97 5.58 8.83 0.14
CA GLN B 97 4.12 8.78 0.04
C GLN B 97 3.46 10.14 -0.20
N LYS B 98 4.03 11.24 0.27
CA LYS B 98 3.30 12.51 0.34
C LYS B 98 3.80 13.53 -0.68
N THR B 99 5.05 13.99 -0.54
CA THR B 99 5.62 14.93 -1.50
C THR B 99 6.10 14.23 -2.76
N GLN B 100 6.27 12.91 -2.72
CA GLN B 100 6.65 12.11 -3.88
C GLN B 100 7.91 12.65 -4.54
N THR B 101 8.92 12.91 -3.71
CA THR B 101 10.24 13.30 -4.17
C THR B 101 11.26 12.18 -4.01
N ILE B 102 10.86 11.04 -3.47
CA ILE B 102 11.72 9.87 -3.38
C ILE B 102 11.27 8.92 -4.49
N ARG B 103 12.07 8.84 -5.55
CA ARG B 103 11.70 8.04 -6.72
C ARG B 103 12.76 7.00 -7.06
N SER B 104 13.94 7.10 -6.47
CA SER B 104 15.07 6.23 -6.79
C SER B 104 16.04 6.29 -5.62
N ALA B 105 17.08 5.45 -5.67
CA ALA B 105 18.02 5.40 -4.54
C ALA B 105 18.68 6.75 -4.28
N SER B 106 18.91 7.54 -5.34
CA SER B 106 19.62 8.81 -5.17
C SER B 106 18.82 9.81 -4.34
N ASP B 107 17.49 9.78 -4.48
CA ASP B 107 16.64 10.64 -3.66
C ASP B 107 16.69 10.23 -2.19
N ILE B 108 16.89 8.95 -1.90
CA ILE B 108 17.01 8.51 -0.52
C ILE B 108 18.25 9.14 0.11
N ARG B 109 19.38 9.05 -0.60
CA ARG B 109 20.62 9.68 -0.16
C ARG B 109 20.39 11.15 0.18
N ASP B 110 19.66 11.88 -0.67
CA ASP B 110 19.45 13.31 -0.43
C ASP B 110 18.75 13.55 0.92
N VAL B 111 17.85 12.63 1.31
CA VAL B 111 17.15 12.80 2.58
C VAL B 111 18.14 12.76 3.74
N PHE B 112 19.12 11.86 3.67
CA PHE B 112 20.13 11.80 4.72
C PHE B 112 21.03 13.03 4.71
N ILE B 113 21.46 13.47 3.53
CA ILE B 113 22.28 14.67 3.44
C ILE B 113 21.52 15.88 3.95
N ASN B 114 20.23 15.97 3.60
CA ASN B 114 19.42 17.09 4.09
C ASN B 114 19.21 17.05 5.59
N ALA B 115 19.33 15.89 6.21
CA ALA B 115 19.23 15.73 7.64
C ALA B 115 20.56 15.99 8.35
N GLY B 116 21.63 16.26 7.59
CA GLY B 116 22.92 16.59 8.18
C GLY B 116 24.00 15.53 8.04
N ILE B 117 23.69 14.35 7.51
CA ILE B 117 24.75 13.35 7.25
C ILE B 117 25.56 13.77 6.03
N LYS B 118 26.89 13.76 6.17
CA LYS B 118 27.75 14.05 5.02
C LYS B 118 27.62 12.97 3.94
N GLY B 119 27.62 13.41 2.68
CA GLY B 119 27.45 12.45 1.57
C GLY B 119 28.46 11.32 1.62
N GLU B 120 29.73 11.63 1.85
CA GLU B 120 30.77 10.61 1.91
C GLU B 120 30.51 9.60 3.02
N GLU B 121 29.92 10.04 4.13
CA GLU B 121 29.65 9.14 5.25
C GLU B 121 28.45 8.25 4.97
N TYR B 122 27.38 8.80 4.37
CA TYR B 122 26.29 7.96 3.92
C TYR B 122 26.80 6.88 2.98
N ASP B 123 27.64 7.26 2.04
CA ASP B 123 28.15 6.29 1.08
C ASP B 123 29.00 5.23 1.77
N ALA B 124 29.90 5.64 2.67
CA ALA B 124 30.68 4.67 3.42
C ALA B 124 29.78 3.72 4.19
N ALA B 125 28.79 4.25 4.89
CA ALA B 125 27.86 3.39 5.62
C ALA B 125 27.10 2.48 4.66
N TRP B 126 26.60 3.04 3.56
CA TRP B 126 25.85 2.25 2.58
C TRP B 126 26.63 1.00 2.20
N ASN B 127 27.95 1.14 2.02
CA ASN B 127 28.80 0.07 1.52
C ASN B 127 29.51 -0.68 2.63
N SER B 128 29.15 -0.46 3.88
CA SER B 128 29.89 -1.01 5.01
C SER B 128 29.50 -2.46 5.27
N PHE B 129 30.39 -3.16 5.97
CA PHE B 129 30.07 -4.51 6.43
C PHE B 129 28.91 -4.48 7.42
N VAL B 130 28.88 -3.48 8.30
CA VAL B 130 27.79 -3.37 9.26
C VAL B 130 26.44 -3.33 8.55
N VAL B 131 26.31 -2.48 7.52
CA VAL B 131 25.02 -2.33 6.85
C VAL B 131 24.68 -3.58 6.04
N LYS B 132 25.69 -4.21 5.43
CA LYS B 132 25.41 -5.45 4.72
C LYS B 132 24.89 -6.53 5.67
N SER B 133 25.43 -6.59 6.89
CA SER B 133 24.95 -7.58 7.85
C SER B 133 23.56 -7.22 8.37
N LEU B 134 23.27 -5.92 8.50
CA LEU B 134 21.95 -5.49 8.92
C LEU B 134 20.90 -5.79 7.85
N VAL B 135 21.23 -5.62 6.58
CA VAL B 135 20.29 -6.01 5.52
C VAL B 135 19.99 -7.50 5.60
N ALA B 136 21.03 -8.31 5.81
CA ALA B 136 20.83 -9.74 5.92
C ALA B 136 19.98 -10.08 7.14
N GLN B 137 20.20 -9.40 8.27
CA GLN B 137 19.41 -9.67 9.47
C GLN B 137 17.94 -9.36 9.24
N GLN B 138 17.66 -8.22 8.60
CA GLN B 138 16.27 -7.84 8.35
C GLN B 138 15.57 -8.87 7.47
N GLU B 139 16.25 -9.28 6.39
CA GLU B 139 15.66 -10.26 5.48
C GLU B 139 15.44 -11.60 6.16
N LYS B 140 16.44 -12.06 6.91
CA LYS B 140 16.30 -13.36 7.57
C LYS B 140 15.22 -13.33 8.64
N ALA B 141 15.14 -12.22 9.40
CA ALA B 141 14.09 -12.10 10.41
C ALA B 141 12.70 -12.26 9.80
N ALA B 142 12.46 -11.62 8.65
CA ALA B 142 11.15 -11.72 8.01
C ALA B 142 10.87 -13.14 7.51
N ALA B 143 11.87 -13.81 6.94
CA ALA B 143 11.66 -15.18 6.52
C ALA B 143 11.48 -16.11 7.72
N ASP B 144 12.17 -15.81 8.83
CA ASP B 144 12.08 -16.68 10.01
C ASP B 144 10.69 -16.71 10.60
N VAL B 145 9.93 -15.62 10.49
CA VAL B 145 8.55 -15.59 10.94
C VAL B 145 7.56 -15.79 9.80
N GLN B 146 8.05 -16.06 8.59
CA GLN B 146 7.19 -16.25 7.43
C GLN B 146 6.22 -15.06 7.28
N LEU B 147 6.81 -13.86 7.23
CA LEU B 147 6.03 -12.63 7.25
C LEU B 147 5.22 -12.48 5.97
N ARG B 148 3.91 -12.24 6.13
CA ARG B 148 3.03 -12.08 4.98
C ARG B 148 2.65 -10.63 4.70
N GLY B 149 2.91 -9.71 5.62
CA GLY B 149 2.58 -8.32 5.36
C GLY B 149 2.97 -7.46 6.54
N VAL B 150 2.84 -6.14 6.34
CA VAL B 150 3.17 -5.13 7.34
C VAL B 150 2.03 -4.12 7.39
N PRO B 151 1.90 -3.38 8.52
CA PRO B 151 2.73 -3.47 9.70
C PRO B 151 2.54 -4.79 10.46
N ALA B 152 3.54 -5.17 11.25
CA ALA B 152 3.45 -6.38 12.05
C ALA B 152 4.42 -6.26 13.23
N MET B 153 4.12 -6.98 14.30
CA MET B 153 4.98 -7.00 15.48
C MET B 153 5.00 -8.38 16.10
N PHE B 154 6.20 -8.83 16.48
CA PHE B 154 6.40 -10.13 17.11
C PHE B 154 7.14 -9.97 18.43
N VAL B 155 6.69 -10.69 19.45
CA VAL B 155 7.26 -10.64 20.79
C VAL B 155 8.04 -11.93 21.04
N ASN B 156 9.33 -11.80 21.34
CA ASN B 156 10.21 -12.90 21.70
C ASN B 156 10.26 -13.99 20.64
N GLY B 157 10.00 -13.62 19.39
CA GLY B 157 9.95 -14.57 18.30
C GLY B 157 8.87 -15.63 18.40
N LYS B 158 7.94 -15.50 19.35
CA LYS B 158 6.93 -16.52 19.58
C LYS B 158 5.50 -16.05 19.41
N TYR B 159 5.25 -14.74 19.49
CA TYR B 159 3.90 -14.22 19.55
C TYR B 159 3.72 -13.08 18.56
N GLN B 160 2.61 -13.09 17.85
CA GLN B 160 2.31 -12.09 16.84
C GLN B 160 1.14 -11.23 17.32
N LEU B 161 1.32 -9.92 17.30
CA LEU B 161 0.22 -9.02 17.65
C LEU B 161 -0.91 -9.15 16.64
N ASN B 162 -2.14 -9.03 17.13
CA ASN B 162 -3.33 -9.20 16.30
C ASN B 162 -4.25 -7.99 16.51
N PRO B 163 -3.88 -6.84 15.96
CA PRO B 163 -4.74 -5.66 16.12
C PRO B 163 -6.13 -5.85 15.53
N GLN B 164 -6.31 -6.77 14.58
CA GLN B 164 -7.63 -7.02 14.04
C GLN B 164 -8.56 -7.65 15.08
N GLY B 165 -7.99 -8.24 16.12
CA GLY B 165 -8.78 -8.82 17.19
C GLY B 165 -8.80 -7.95 18.42
N MET B 166 -8.42 -6.68 18.25
CA MET B 166 -8.51 -5.66 19.28
C MET B 166 -9.71 -4.77 19.00
N ASP B 167 -9.97 -3.82 19.92
CA ASP B 167 -11.17 -3.00 19.83
C ASP B 167 -10.84 -1.70 19.12
N THR B 168 -11.34 -1.59 17.90
CA THR B 168 -11.19 -0.47 16.97
C THR B 168 -12.13 0.69 17.27
N SER B 169 -13.00 0.56 18.28
CA SER B 169 -14.00 1.58 18.57
C SER B 169 -13.36 2.94 18.78
N ASN B 170 -12.35 2.98 19.62
CA ASN B 170 -11.75 4.21 20.13
C ASN B 170 -10.24 4.08 19.94
N MET B 171 -9.66 4.96 19.13
CA MET B 171 -8.25 4.82 18.81
C MET B 171 -7.36 5.01 20.04
N ASP B 172 -7.73 5.92 20.94
CA ASP B 172 -6.92 6.06 22.16
C ASP B 172 -6.96 4.79 22.98
N VAL B 173 -8.14 4.18 23.09
CA VAL B 173 -8.24 2.92 23.82
C VAL B 173 -7.51 1.82 23.06
N PHE B 174 -7.66 1.80 21.73
CA PHE B 174 -6.96 0.83 20.90
C PHE B 174 -5.46 0.92 21.10
N VAL B 175 -4.91 2.14 21.09
CA VAL B 175 -3.45 2.27 21.20
C VAL B 175 -2.97 1.71 22.53
N GLN B 176 -3.67 2.03 23.63
CA GLN B 176 -3.25 1.50 24.92
C GLN B 176 -3.51 0.00 25.03
N GLN B 177 -4.57 -0.50 24.37
CA GLN B 177 -4.77 -1.94 24.35
C GLN B 177 -3.63 -2.64 23.63
N TYR B 178 -3.20 -2.06 22.51
CA TYR B 178 -2.06 -2.60 21.78
C TYR B 178 -0.82 -2.61 22.67
N ALA B 179 -0.50 -1.46 23.28
CA ALA B 179 0.66 -1.36 24.17
C ALA B 179 0.53 -2.33 25.36
N ASP B 180 -0.65 -2.37 25.98
CA ASP B 180 -0.85 -3.28 27.11
C ASP B 180 -0.67 -4.74 26.68
N THR B 181 -1.13 -5.08 25.48
CA THR B 181 -0.94 -6.44 24.96
C THR B 181 0.55 -6.77 24.81
N VAL B 182 1.34 -5.83 24.30
CA VAL B 182 2.77 -6.06 24.18
C VAL B 182 3.38 -6.31 25.56
N LYS B 183 3.11 -5.42 26.51
CA LYS B 183 3.61 -5.59 27.88
C LYS B 183 3.29 -6.98 28.40
N TYR B 184 2.04 -7.39 28.28
CA TYR B 184 1.66 -8.70 28.77
C TYR B 184 2.46 -9.81 28.10
N LEU B 185 2.67 -9.71 26.79
CA LEU B 185 3.38 -10.76 26.08
C LEU B 185 4.86 -10.77 26.44
N SER B 186 5.45 -9.60 26.66
CA SER B 186 6.85 -9.58 27.06
C SER B 186 7.04 -10.27 28.40
N GLU B 187 6.01 -10.27 29.24
CA GLU B 187 6.04 -10.96 30.53
C GLU B 187 5.50 -12.39 30.41
N LYS B 188 6.18 -13.17 29.58
CA LYS B 188 5.90 -14.59 29.40
C LYS B 188 7.18 -15.35 29.10
#